data_4PID
#
_entry.id   4PID
#
_cell.length_a   112.783
_cell.length_b   112.783
_cell.length_c   50.347
_cell.angle_alpha   90.000
_cell.angle_beta   90.000
_cell.angle_gamma   120.000
#
_symmetry.space_group_name_H-M   'P 61'
#
loop_
_entity.id
_entity.type
_entity.pdbx_description
1 polymer Protease
2 polymer 'Pre-protein VI'
3 non-polymer 'ACETATE ION'
4 non-polymer N-benzyl-2-[(Z)-iminomethyl]pyrimidine-5-carboxamide
5 water water
#
loop_
_entity_poly.entity_id
_entity_poly.type
_entity_poly.pdbx_seq_one_letter_code
_entity_poly.pdbx_strand_id
1 'polypeptide(L)'
;MGSSEQELKAIVKDLGCGPYFLGTYDKRFPGFVSPHKLACAIVNTAGRETGGVHWMAFAWNPRSKTCYLFEPFGFSDQRL
KQVYQFEYESLLRRSAIASSPDRCITLEKSTQSVQGPNSAACGLFCCMFLHAFANWPQTPMDHNPTMNLITGVPNSMLNS
PQVQPTLRRNQEQLYSFLERHSPYFRSHSAQIRSATSFCHLKNM
;
A
2 'polypeptide(L)' GVQSLKRRRCF B
#
loop_
_chem_comp.id
_chem_comp.type
_chem_comp.name
_chem_comp.formula
2UQ non-polymer N-benzyl-2-[(Z)-iminomethyl]pyrimidine-5-carboxamide 'C13 H12 N4 O'
ACT non-polymer 'ACETATE ION' 'C2 H3 O2 -1'
#
# COMPACT_ATOMS: atom_id res chain seq x y z
N MET A 1 -17.56 -0.44 6.45
CA MET A 1 -17.02 -1.20 5.28
C MET A 1 -15.59 -0.73 4.90
N GLY A 2 -14.89 -1.50 4.05
CA GLY A 2 -13.42 -1.33 4.03
C GLY A 2 -12.75 -1.91 5.29
N SER A 3 -11.54 -1.39 5.58
CA SER A 3 -10.82 -1.92 6.77
C SER A 3 -10.55 -0.76 7.75
N SER A 4 -10.78 -1.03 9.04
CA SER A 4 -10.41 -0.01 9.99
C SER A 4 -8.94 0.01 10.36
N GLU A 5 -8.51 1.07 11.08
CA GLU A 5 -7.12 1.12 11.54
C GLU A 5 -6.79 -0.01 12.43
N GLN A 6 -7.70 -0.42 13.35
CA GLN A 6 -7.39 -1.47 14.29
C GLN A 6 -7.13 -2.80 13.57
N GLU A 7 -7.95 -3.04 12.52
CA GLU A 7 -7.80 -4.22 11.68
CA GLU A 7 -7.75 -4.28 11.79
C GLU A 7 -6.39 -4.27 11.03
N LEU A 8 -6.06 -3.16 10.42
CA LEU A 8 -4.76 -3.13 9.66
C LEU A 8 -3.59 -3.22 10.60
N LYS A 9 -3.65 -2.56 11.79
CA LYS A 9 -2.55 -2.73 12.75
C LYS A 9 -2.39 -4.15 13.23
N ALA A 10 -3.51 -4.88 13.48
CA ALA A 10 -3.38 -6.22 13.94
C ALA A 10 -2.73 -7.12 12.83
N ILE A 11 -3.23 -6.91 11.60
CA ILE A 11 -2.68 -7.75 10.52
C ILE A 11 -1.23 -7.45 10.30
N VAL A 12 -0.84 -6.18 10.22
CA VAL A 12 0.60 -5.92 10.01
C VAL A 12 1.47 -6.51 11.06
N LYS A 13 1.02 -6.47 12.34
CA LYS A 13 1.79 -7.13 13.38
C LYS A 13 1.87 -8.64 13.16
N ASP A 14 0.79 -9.28 12.76
CA ASP A 14 0.80 -10.73 12.46
C ASP A 14 1.83 -11.08 11.35
N LEU A 15 1.97 -10.14 10.42
CA LEU A 15 2.81 -10.43 9.23
C LEU A 15 4.25 -10.24 9.56
N GLY A 16 4.64 -9.80 10.77
CA GLY A 16 6.04 -9.69 11.12
C GLY A 16 6.62 -8.32 10.83
N CYS A 17 5.79 -7.30 10.58
CA CYS A 17 6.24 -5.96 10.23
CA CYS A 17 6.36 -6.03 10.21
C CYS A 17 6.45 -5.08 11.41
N GLY A 18 6.06 -5.59 12.60
CA GLY A 18 6.12 -4.80 13.83
C GLY A 18 7.45 -4.07 14.12
N PRO A 19 8.63 -4.66 13.82
CA PRO A 19 9.88 -3.96 14.10
C PRO A 19 10.04 -2.69 13.27
N TYR A 20 9.35 -2.60 12.14
CA TYR A 20 9.59 -1.41 11.27
C TYR A 20 8.32 -0.56 11.12
N PHE A 21 7.18 -1.01 11.61
CA PHE A 21 5.92 -0.29 11.32
C PHE A 21 5.65 0.85 12.26
N LEU A 22 5.45 2.03 11.68
CA LEU A 22 5.21 3.26 12.49
C LEU A 22 3.77 3.32 12.92
N GLY A 23 2.87 2.72 12.17
CA GLY A 23 1.42 2.81 12.44
C GLY A 23 0.63 3.20 11.26
N THR A 24 -0.67 3.50 11.54
CA THR A 24 -1.62 4.02 10.58
C THR A 24 -1.79 5.52 10.77
N TYR A 25 -1.92 6.24 9.69
CA TYR A 25 -1.94 7.70 9.71
C TYR A 25 -2.95 8.19 8.76
N ASP A 26 -3.48 9.42 8.96
CA ASP A 26 -4.16 10.10 7.87
C ASP A 26 -3.25 10.79 6.95
N LYS A 27 -3.77 11.64 6.10
CA LYS A 27 -2.98 12.26 5.03
C LYS A 27 -1.85 13.16 5.56
N ARG A 28 -1.94 13.56 6.87
CA ARG A 28 -0.89 14.38 7.47
C ARG A 28 0.33 13.59 7.90
N PHE A 29 0.46 12.26 7.54
CA PHE A 29 1.67 11.59 7.97
C PHE A 29 2.88 12.48 7.68
N PRO A 30 3.77 12.62 8.69
CA PRO A 30 4.79 13.65 8.47
C PRO A 30 6.00 13.18 7.60
N GLY A 31 6.08 11.87 7.42
CA GLY A 31 7.31 11.40 6.70
C GLY A 31 8.17 10.66 7.67
N PHE A 32 9.30 10.17 7.12
CA PHE A 32 10.13 9.28 7.87
C PHE A 32 11.29 10.04 8.54
N VAL A 33 11.55 9.70 9.79
CA VAL A 33 12.72 10.30 10.51
C VAL A 33 13.49 9.10 10.91
N SER A 34 14.27 8.54 9.95
CA SER A 34 14.77 7.17 10.15
C SER A 34 16.01 6.97 9.31
N PRO A 35 17.09 7.72 9.56
CA PRO A 35 18.26 7.58 8.73
C PRO A 35 18.96 6.24 8.86
N HIS A 36 18.72 5.46 9.88
CA HIS A 36 19.40 4.19 10.09
C HIS A 36 18.54 3.00 10.29
N LYS A 37 17.21 3.07 10.06
CA LYS A 37 16.38 1.91 10.28
C LYS A 37 15.25 1.88 9.15
N LEU A 38 14.97 0.63 8.78
CA LEU A 38 13.79 0.37 7.94
C LEU A 38 12.59 0.90 8.67
N ALA A 39 11.67 1.44 7.86
CA ALA A 39 10.41 1.91 8.45
C ALA A 39 9.30 1.85 7.40
N CYS A 40 8.06 1.79 7.90
CA CYS A 40 6.92 1.82 6.93
C CYS A 40 5.66 2.30 7.71
N ALA A 41 4.66 2.64 6.90
CA ALA A 41 3.42 3.13 7.52
C ALA A 41 2.29 2.89 6.55
N ILE A 42 1.03 2.85 7.07
CA ILE A 42 -0.13 2.87 6.15
C ILE A 42 -0.81 4.24 6.30
N VAL A 43 -1.15 4.86 5.21
CA VAL A 43 -1.46 6.30 5.21
C VAL A 43 -2.72 6.43 4.42
N ASN A 44 -3.74 7.13 5.02
CA ASN A 44 -4.95 7.40 4.24
C ASN A 44 -4.88 8.63 3.39
N THR A 45 -5.66 8.64 2.29
CA THR A 45 -5.70 9.78 1.45
C THR A 45 -6.41 11.04 2.06
N ALA A 46 -7.24 10.67 3.02
CA ALA A 46 -8.06 11.77 3.68
C ALA A 46 -7.55 12.06 5.07
N GLY A 47 -8.11 13.17 5.64
CA GLY A 47 -7.85 13.43 7.06
C GLY A 47 -8.76 12.72 8.00
N ARG A 48 -8.32 12.56 9.24
CA ARG A 48 -9.05 11.82 10.24
C ARG A 48 -10.46 12.40 10.41
N GLU A 49 -10.60 13.69 10.21
CA GLU A 49 -11.95 14.33 10.37
C GLU A 49 -12.99 13.68 9.41
N THR A 50 -12.55 13.05 8.31
CA THR A 50 -13.45 12.26 7.35
C THR A 50 -13.76 10.81 7.66
N GLY A 51 -13.00 10.16 8.51
CA GLY A 51 -13.18 8.76 8.94
C GLY A 51 -12.37 7.79 8.03
N GLY A 52 -11.82 8.36 6.97
CA GLY A 52 -10.95 7.48 6.05
C GLY A 52 -11.59 7.40 4.70
N VAL A 53 -10.79 7.41 3.59
CA VAL A 53 -11.35 7.22 2.26
C VAL A 53 -10.59 6.06 1.54
N HIS A 54 -9.28 6.14 1.57
CA HIS A 54 -8.51 5.10 0.71
C HIS A 54 -7.12 4.95 1.37
N TRP A 55 -6.62 3.68 1.39
CA TRP A 55 -5.29 3.37 2.02
C TRP A 55 -4.16 3.14 1.02
N MET A 56 -3.03 3.68 1.43
CA MET A 56 -1.75 3.54 0.69
C MET A 56 -0.72 3.06 1.70
N ALA A 57 0.37 2.47 1.17
CA ALA A 57 1.48 2.11 2.05
C ALA A 57 2.70 2.91 1.64
N PHE A 58 3.44 3.43 2.63
CA PHE A 58 4.74 4.07 2.36
C PHE A 58 5.78 3.27 3.10
N ALA A 59 6.97 3.11 2.48
CA ALA A 59 8.00 2.39 3.19
C ALA A 59 9.31 3.10 2.84
N TRP A 60 10.30 2.81 3.70
CA TRP A 60 11.61 3.55 3.64
C TRP A 60 12.75 2.58 3.95
N ASN A 61 13.66 2.54 2.95
CA ASN A 61 14.94 1.78 3.14
C ASN A 61 16.12 2.77 3.25
N PRO A 62 16.66 2.86 4.52
CA PRO A 62 17.68 3.83 4.80
C PRO A 62 18.98 3.51 4.06
N ARG A 63 19.18 2.23 3.75
CA ARG A 63 20.48 2.00 3.08
C ARG A 63 20.49 2.33 1.62
N SER A 64 19.38 2.18 0.89
CA SER A 64 19.31 2.67 -0.43
C SER A 64 18.67 4.11 -0.58
N LYS A 65 18.30 4.68 0.53
CA LYS A 65 17.61 6.02 0.55
C LYS A 65 16.40 5.99 -0.39
N THR A 66 15.63 4.91 -0.35
CA THR A 66 14.46 4.76 -1.23
C THR A 66 13.20 4.81 -0.38
N CYS A 67 12.26 5.71 -0.81
CA CYS A 67 10.89 5.77 -0.25
C CYS A 67 10.03 5.11 -1.29
N TYR A 68 9.33 4.05 -0.83
CA TYR A 68 8.39 3.34 -1.69
C TYR A 68 6.98 3.86 -1.42
N LEU A 69 6.23 4.03 -2.50
CA LEU A 69 4.76 4.31 -2.35
C LEU A 69 3.99 3.21 -3.13
N PHE A 70 3.26 2.42 -2.34
CA PHE A 70 2.36 1.44 -2.93
C PHE A 70 0.94 1.92 -2.69
N GLU A 71 0.31 2.33 -3.78
CA GLU A 71 -1.13 2.71 -3.64
C GLU A 71 -1.76 1.66 -4.57
N PRO A 72 -2.83 0.94 -4.12
CA PRO A 72 -3.27 -0.25 -4.86
C PRO A 72 -3.82 -0.01 -6.25
N PHE A 73 -4.23 1.19 -6.61
CA PHE A 73 -4.62 1.38 -8.05
C PHE A 73 -3.49 1.83 -8.92
N GLY A 74 -2.33 2.22 -8.34
CA GLY A 74 -1.16 2.65 -9.16
C GLY A 74 -1.45 3.99 -9.87
N PHE A 75 -2.32 4.84 -9.26
CA PHE A 75 -2.65 6.13 -9.93
C PHE A 75 -1.48 7.02 -10.07
N SER A 76 -1.48 7.82 -11.17
CA SER A 76 -0.41 8.85 -11.31
C SER A 76 -0.62 9.92 -10.20
N ASP A 77 0.43 10.71 -10.00
CA ASP A 77 0.32 11.80 -9.01
C ASP A 77 -0.85 12.72 -9.37
N GLN A 78 -1.00 12.99 -10.66
CA GLN A 78 -2.16 13.83 -11.09
C GLN A 78 -3.51 13.23 -10.72
N ARG A 79 -3.69 11.91 -10.93
CA ARG A 79 -4.93 11.23 -10.62
C ARG A 79 -5.09 11.13 -9.11
N LEU A 80 -4.02 10.97 -8.32
CA LEU A 80 -4.19 10.97 -6.85
C LEU A 80 -4.73 12.31 -6.38
N LYS A 81 -4.26 13.39 -7.01
CA LYS A 81 -4.71 14.73 -6.62
C LYS A 81 -6.18 14.91 -7.11
N GLN A 82 -6.49 14.46 -8.35
CA GLN A 82 -7.84 14.60 -8.92
C GLN A 82 -8.86 13.76 -8.16
N VAL A 83 -8.55 12.47 -7.89
CA VAL A 83 -9.55 11.56 -7.38
C VAL A 83 -9.64 11.71 -5.86
N TYR A 84 -8.48 11.87 -5.19
CA TYR A 84 -8.46 11.81 -3.70
C TYR A 84 -7.99 13.09 -3.02
N GLN A 85 -7.71 14.17 -3.75
CA GLN A 85 -7.12 15.39 -3.19
C GLN A 85 -5.93 15.12 -2.35
N PHE A 86 -5.11 14.15 -2.82
CA PHE A 86 -3.94 13.73 -2.00
C PHE A 86 -2.63 14.08 -2.70
N GLU A 87 -1.75 14.76 -1.97
CA GLU A 87 -0.40 15.09 -2.47
C GLU A 87 0.55 14.76 -1.35
N TYR A 88 1.75 14.38 -1.71
CA TYR A 88 2.67 13.84 -0.72
C TYR A 88 4.08 14.43 -0.90
N GLU A 89 4.17 15.59 -1.57
CA GLU A 89 5.45 16.31 -1.63
C GLU A 89 6.02 16.67 -0.27
N SER A 90 5.22 17.21 0.69
CA SER A 90 5.73 17.56 1.99
C SER A 90 6.33 16.42 2.75
N LEU A 91 5.64 15.25 2.71
CA LEU A 91 6.18 14.17 3.48
C LEU A 91 7.49 13.62 2.78
N LEU A 92 7.54 13.70 1.48
CA LEU A 92 8.82 13.26 0.83
C LEU A 92 9.97 14.20 1.19
N ARG A 93 9.66 15.52 1.18
CA ARG A 93 10.72 16.52 1.54
C ARG A 93 11.17 16.32 2.97
N ARG A 94 10.22 16.17 3.96
CA ARG A 94 10.59 15.86 5.33
C ARG A 94 11.44 14.62 5.49
N SER A 95 11.00 13.57 4.77
CA SER A 95 11.75 12.31 4.88
C SER A 95 13.20 12.47 4.40
N ALA A 96 13.38 13.19 3.29
CA ALA A 96 14.77 13.34 2.67
C ALA A 96 15.61 14.17 3.64
N ILE A 97 15.03 15.23 4.26
CA ILE A 97 15.84 16.12 5.14
C ILE A 97 16.18 15.45 6.43
N ALA A 98 15.23 14.67 7.01
CA ALA A 98 15.47 13.98 8.23
C ALA A 98 16.31 12.75 8.12
N SER A 99 16.22 12.08 6.94
CA SER A 99 16.73 10.73 6.92
C SER A 99 17.91 10.47 5.90
N SER A 100 18.30 11.53 5.20
CA SER A 100 19.41 11.32 4.24
C SER A 100 20.41 12.51 4.42
N PRO A 101 21.70 12.20 4.64
CA PRO A 101 22.66 13.36 4.75
C PRO A 101 22.71 14.32 3.58
N ASP A 102 22.44 13.79 2.34
CA ASP A 102 22.47 14.60 1.17
C ASP A 102 21.12 15.25 0.83
N ARG A 103 20.08 15.03 1.65
CA ARG A 103 18.74 15.56 1.40
C ARG A 103 18.18 15.05 0.10
N CYS A 104 18.63 13.87 -0.34
CA CYS A 104 18.15 13.32 -1.66
C CYS A 104 17.64 11.89 -1.39
N ILE A 105 16.56 11.55 -2.11
CA ILE A 105 16.01 10.20 -1.93
C ILE A 105 15.61 9.75 -3.33
N THR A 106 15.41 8.43 -3.49
CA THR A 106 14.69 7.91 -4.68
C THR A 106 13.25 7.56 -4.30
N LEU A 107 12.31 8.11 -4.99
CA LEU A 107 10.90 7.68 -4.81
C LEU A 107 10.62 6.55 -5.77
N GLU A 108 10.16 5.42 -5.28
CA GLU A 108 9.77 4.30 -6.19
C GLU A 108 8.31 4.06 -5.94
N LYS A 109 7.50 4.28 -6.97
CA LYS A 109 6.03 4.23 -6.75
C LYS A 109 5.39 3.21 -7.76
N SER A 110 4.43 2.41 -7.30
CA SER A 110 3.74 1.49 -8.20
C SER A 110 3.01 2.25 -9.29
N THR A 111 3.04 1.71 -10.55
CA THR A 111 2.37 2.31 -11.72
C THR A 111 1.24 1.45 -12.23
N GLN A 112 0.86 0.39 -11.52
CA GLN A 112 -0.16 -0.54 -12.01
C GLN A 112 -1.19 -0.73 -10.90
N SER A 113 -2.39 -1.17 -11.32
CA SER A 113 -3.40 -1.50 -10.29
C SER A 113 -3.39 -2.99 -9.99
N VAL A 114 -3.51 -3.33 -8.72
CA VAL A 114 -3.77 -4.71 -8.28
C VAL A 114 -5.24 -4.97 -7.92
N GLN A 115 -5.95 -3.83 -7.72
CA GLN A 115 -7.32 -3.85 -7.11
C GLN A 115 -8.35 -3.58 -8.22
N GLY A 116 -9.51 -4.25 -8.01
CA GLY A 116 -10.60 -3.95 -8.97
C GLY A 116 -11.32 -2.67 -8.57
N PRO A 117 -11.98 -2.09 -9.53
CA PRO A 117 -12.48 -0.71 -9.43
C PRO A 117 -13.68 -0.67 -8.38
N ASN A 118 -14.27 -1.76 -8.05
CA ASN A 118 -15.40 -1.75 -7.05
C ASN A 118 -14.97 -2.40 -5.78
N SER A 119 -13.67 -2.78 -5.62
CA SER A 119 -13.26 -3.43 -4.43
C SER A 119 -12.94 -2.53 -3.21
N ALA A 120 -13.16 -3.11 -2.01
CA ALA A 120 -12.83 -2.41 -0.82
C ALA A 120 -11.66 -2.95 -0.05
N ALA A 121 -10.79 -3.63 -0.83
CA ALA A 121 -9.64 -4.28 -0.20
C ALA A 121 -8.33 -3.53 -0.18
N CYS A 122 -8.36 -2.22 -0.40
CA CYS A 122 -7.11 -1.41 -0.43
C CYS A 122 -6.27 -1.61 0.82
N GLY A 123 -6.84 -1.55 2.04
CA GLY A 123 -5.97 -1.64 3.21
C GLY A 123 -5.33 -3.02 3.31
N LEU A 124 -6.09 -4.09 2.92
CA LEU A 124 -5.52 -5.39 2.98
C LEU A 124 -4.35 -5.56 1.96
N PHE A 125 -4.53 -5.00 0.75
CA PHE A 125 -3.40 -5.06 -0.19
C PHE A 125 -2.17 -4.34 0.38
N CYS A 126 -2.37 -3.22 1.11
CA CYS A 126 -1.22 -2.52 1.68
C CYS A 126 -0.52 -3.38 2.70
N CYS A 127 -1.31 -4.16 3.50
CA CYS A 127 -0.67 -5.04 4.51
C CYS A 127 0.18 -6.10 3.76
N MET A 128 -0.31 -6.64 2.63
CA MET A 128 0.48 -7.66 1.88
C MET A 128 1.75 -7.01 1.32
N PHE A 129 1.64 -5.77 0.77
CA PHE A 129 2.89 -5.13 0.27
C PHE A 129 3.90 -4.94 1.43
N LEU A 130 3.41 -4.61 2.68
CA LEU A 130 4.37 -4.39 3.78
C LEU A 130 5.00 -5.73 4.23
N HIS A 131 4.32 -6.90 4.11
CA HIS A 131 5.04 -8.14 4.35
C HIS A 131 6.20 -8.27 3.32
N ALA A 132 5.91 -7.93 2.05
CA ALA A 132 7.01 -8.02 1.09
C ALA A 132 8.11 -7.04 1.41
N PHE A 133 7.79 -5.79 1.78
CA PHE A 133 8.86 -4.85 2.12
C PHE A 133 9.67 -5.32 3.38
N ALA A 134 8.97 -5.86 4.39
CA ALA A 134 9.74 -6.23 5.64
C ALA A 134 10.68 -7.38 5.28
N ASN A 135 10.35 -8.21 4.30
CA ASN A 135 11.22 -9.33 3.99
C ASN A 135 12.18 -9.10 2.84
N TRP A 136 11.84 -8.20 1.90
CA TRP A 136 12.63 -7.97 0.66
C TRP A 136 12.61 -6.47 0.44
N PRO A 137 13.31 -5.73 1.29
CA PRO A 137 13.24 -4.26 1.24
C PRO A 137 14.01 -3.63 0.07
N GLN A 138 14.77 -4.40 -0.73
CA GLN A 138 15.37 -3.89 -1.95
C GLN A 138 14.51 -4.17 -3.18
N THR A 139 13.44 -4.97 -3.02
CA THR A 139 12.63 -5.26 -4.23
C THR A 139 11.23 -5.61 -3.79
N PRO A 140 10.54 -4.69 -3.08
CA PRO A 140 9.25 -5.04 -2.53
C PRO A 140 8.13 -5.04 -3.55
N MET A 141 8.30 -4.30 -4.67
CA MET A 141 7.14 -4.19 -5.59
C MET A 141 6.88 -5.47 -6.44
N ASP A 142 7.96 -6.20 -6.74
CA ASP A 142 7.76 -7.38 -7.64
C ASP A 142 9.00 -8.23 -7.43
N HIS A 143 8.95 -9.41 -8.04
CA HIS A 143 10.10 -10.35 -7.96
C HIS A 143 10.43 -10.68 -6.51
N ASN A 144 9.39 -11.03 -5.77
CA ASN A 144 9.61 -11.56 -4.43
C ASN A 144 8.45 -12.53 -4.10
N PRO A 145 8.62 -13.40 -3.13
CA PRO A 145 7.63 -14.44 -2.95
C PRO A 145 6.20 -14.00 -2.56
N THR A 146 6.09 -12.78 -2.05
CA THR A 146 4.73 -12.27 -1.71
C THR A 146 4.12 -11.57 -2.91
N MET A 147 4.78 -10.58 -3.46
CA MET A 147 4.18 -9.88 -4.54
C MET A 147 4.11 -10.70 -5.82
N ASN A 148 4.88 -11.79 -5.95
CA ASN A 148 4.67 -12.63 -7.11
C ASN A 148 3.31 -13.33 -7.15
N LEU A 149 2.61 -13.31 -6.01
CA LEU A 149 1.28 -13.92 -5.99
C LEU A 149 0.23 -13.07 -6.65
N ILE A 150 0.52 -11.80 -6.92
CA ILE A 150 -0.53 -10.95 -7.51
C ILE A 150 0.04 -10.25 -8.70
N THR A 151 -0.79 -9.79 -9.63
CA THR A 151 -0.32 -9.25 -10.89
C THR A 151 -0.92 -7.87 -11.16
N GLY A 152 -0.06 -6.87 -11.30
CA GLY A 152 -0.58 -5.54 -11.65
C GLY A 152 -1.05 -5.45 -13.13
N VAL A 153 -2.01 -4.50 -13.34
CA VAL A 153 -2.41 -4.21 -14.77
C VAL A 153 -2.41 -2.70 -14.96
N PRO A 154 -2.28 -2.18 -16.18
CA PRO A 154 -2.40 -0.71 -16.34
C PRO A 154 -3.76 -0.19 -15.80
N ASN A 155 -3.74 0.94 -15.03
CA ASN A 155 -4.98 1.44 -14.48
CA ASN A 155 -5.01 1.37 -14.48
C ASN A 155 -5.97 1.89 -15.55
N SER A 156 -5.41 2.24 -16.74
CA SER A 156 -6.33 2.53 -17.89
C SER A 156 -7.19 1.40 -18.33
N MET A 157 -6.82 0.13 -17.96
CA MET A 157 -7.53 -1.09 -18.48
C MET A 157 -8.46 -1.73 -17.43
N LEU A 158 -8.64 -1.10 -16.34
CA LEU A 158 -9.45 -1.69 -15.29
C LEU A 158 -10.91 -2.22 -15.53
N ASN A 159 -11.58 -1.58 -16.52
CA ASN A 159 -13.00 -1.87 -16.83
C ASN A 159 -13.05 -2.71 -18.09
N SER A 160 -11.91 -3.27 -18.50
CA SER A 160 -11.93 -4.08 -19.72
C SER A 160 -12.01 -5.60 -19.42
N PRO A 161 -12.64 -6.37 -20.27
CA PRO A 161 -12.86 -7.74 -19.91
C PRO A 161 -11.49 -8.50 -19.83
N GLN A 162 -10.47 -8.07 -20.55
CA GLN A 162 -9.26 -8.93 -20.70
C GLN A 162 -8.52 -8.96 -19.34
N VAL A 163 -8.87 -8.08 -18.46
CA VAL A 163 -8.14 -8.04 -17.12
C VAL A 163 -8.98 -8.50 -15.99
N GLN A 164 -10.21 -8.85 -16.22
CA GLN A 164 -11.07 -9.25 -15.06
C GLN A 164 -10.66 -10.53 -14.38
N PRO A 165 -10.21 -11.59 -15.10
CA PRO A 165 -9.76 -12.76 -14.37
C PRO A 165 -8.54 -12.39 -13.50
N THR A 166 -7.65 -11.52 -13.98
CA THR A 166 -6.43 -11.19 -13.18
C THR A 166 -6.87 -10.44 -11.89
N LEU A 167 -7.72 -9.44 -11.96
CA LEU A 167 -8.06 -8.70 -10.76
C LEU A 167 -8.86 -9.59 -9.75
N ARG A 168 -9.70 -10.48 -10.29
CA ARG A 168 -10.37 -11.42 -9.36
C ARG A 168 -9.41 -12.29 -8.67
N ARG A 169 -8.47 -12.85 -9.43
CA ARG A 169 -7.50 -13.75 -8.86
C ARG A 169 -6.62 -12.97 -7.84
N ASN A 170 -6.30 -11.75 -8.11
CA ASN A 170 -5.46 -11.01 -7.14
C ASN A 170 -6.15 -10.91 -5.77
N GLN A 171 -7.45 -10.63 -5.78
CA GLN A 171 -8.07 -10.48 -4.46
C GLN A 171 -8.26 -11.85 -3.73
N GLU A 172 -8.52 -12.92 -4.52
CA GLU A 172 -8.54 -14.27 -3.95
C GLU A 172 -7.15 -14.63 -3.34
N GLN A 173 -6.07 -14.29 -4.09
CA GLN A 173 -4.75 -14.58 -3.52
C GLN A 173 -4.43 -13.75 -2.36
N LEU A 174 -4.90 -12.52 -2.29
CA LEU A 174 -4.68 -11.68 -1.06
C LEU A 174 -5.38 -12.38 0.15
N TYR A 175 -6.66 -12.78 -0.05
CA TYR A 175 -7.24 -13.45 1.10
C TYR A 175 -6.62 -14.75 1.49
N SER A 176 -6.17 -15.55 0.53
CA SER A 176 -5.50 -16.79 0.90
C SER A 176 -4.19 -16.52 1.62
N PHE A 177 -3.47 -15.48 1.15
CA PHE A 177 -2.23 -15.09 1.81
C PHE A 177 -2.50 -14.71 3.28
N LEU A 178 -3.55 -13.92 3.49
CA LEU A 178 -3.85 -13.45 4.89
C LEU A 178 -4.34 -14.68 5.68
N GLU A 179 -5.08 -15.62 5.08
CA GLU A 179 -5.42 -16.92 5.87
C GLU A 179 -4.18 -17.63 6.28
N ARG A 180 -3.12 -17.68 5.49
CA ARG A 180 -1.94 -18.40 5.84
C ARG A 180 -1.11 -17.70 6.84
N HIS A 181 -1.09 -16.36 6.80
CA HIS A 181 -0.11 -15.62 7.54
C HIS A 181 -0.64 -14.81 8.75
N SER A 182 -1.98 -14.70 8.89
CA SER A 182 -2.52 -13.79 9.93
C SER A 182 -3.59 -14.53 10.75
N PRO A 183 -3.24 -14.79 12.05
CA PRO A 183 -4.29 -15.36 12.86
C PRO A 183 -5.42 -14.38 13.12
N TYR A 184 -5.16 -13.08 13.13
CA TYR A 184 -6.26 -12.12 13.20
C TYR A 184 -7.23 -12.24 12.02
N PHE A 185 -6.68 -12.26 10.77
CA PHE A 185 -7.57 -12.43 9.69
C PHE A 185 -8.32 -13.75 9.78
N ARG A 186 -7.61 -14.83 10.14
CA ARG A 186 -8.31 -16.15 10.26
C ARG A 186 -9.51 -16.06 11.18
N SER A 187 -9.32 -15.37 12.30
CA SER A 187 -10.42 -15.35 13.33
C SER A 187 -11.52 -14.40 12.89
N HIS A 188 -11.27 -13.50 11.93
CA HIS A 188 -12.25 -12.57 11.47
C HIS A 188 -12.55 -12.72 9.96
N SER A 189 -12.27 -13.91 9.42
CA SER A 189 -12.22 -14.11 7.95
C SER A 189 -13.53 -13.75 7.28
N ALA A 190 -14.68 -14.26 7.79
CA ALA A 190 -15.92 -13.89 7.10
C ALA A 190 -16.28 -12.47 7.14
N GLN A 191 -16.10 -11.82 8.28
CA GLN A 191 -16.48 -10.45 8.45
C GLN A 191 -15.61 -9.58 7.53
N ILE A 192 -14.30 -9.85 7.57
CA ILE A 192 -13.42 -8.98 6.74
C ILE A 192 -13.68 -9.24 5.23
N ARG A 193 -13.86 -10.48 4.81
CA ARG A 193 -14.21 -10.77 3.40
C ARG A 193 -15.45 -10.04 2.94
N SER A 194 -16.49 -10.02 3.80
CA SER A 194 -17.71 -9.29 3.42
CA SER A 194 -17.74 -9.27 3.53
C SER A 194 -17.50 -7.77 3.36
N ALA A 195 -16.71 -7.17 4.25
CA ALA A 195 -16.48 -5.73 4.29
C ALA A 195 -15.54 -5.18 3.20
N THR A 196 -14.81 -6.15 2.55
CA THR A 196 -13.77 -5.70 1.64
C THR A 196 -13.92 -6.30 0.23
N SER A 197 -15.09 -6.87 -0.06
CA SER A 197 -15.26 -7.72 -1.21
C SER A 197 -15.04 -7.01 -2.56
N PHE A 198 -14.77 -7.86 -3.57
CA PHE A 198 -14.41 -7.39 -4.87
C PHE A 198 -15.33 -6.41 -5.55
N CYS A 199 -16.66 -6.67 -5.25
CA CYS A 199 -17.69 -5.76 -5.79
C CYS A 199 -18.39 -5.04 -4.64
N HIS A 200 -17.71 -4.78 -3.56
CA HIS A 200 -18.35 -4.14 -2.37
C HIS A 200 -18.90 -2.76 -2.71
N LEU A 201 -18.35 -2.04 -3.67
CA LEU A 201 -18.69 -0.71 -4.00
C LEU A 201 -19.44 -0.56 -5.31
N LYS A 202 -19.92 -1.66 -5.87
CA LYS A 202 -20.49 -1.64 -7.18
C LYS A 202 -21.78 -0.75 -7.21
N ASN A 203 -21.86 0.09 -8.24
CA ASN A 203 -23.16 0.88 -8.45
C ASN A 203 -24.34 -0.03 -8.55
N MET A 204 -25.51 0.45 -8.02
CA MET A 204 -26.78 -0.23 -8.19
C MET A 204 -27.66 0.71 -9.03
N GLY B 1 3.79 -9.15 -9.36
CA GLY B 1 3.68 -7.91 -8.50
C GLY B 1 3.34 -6.77 -9.42
N VAL B 2 3.88 -5.59 -9.06
CA VAL B 2 3.54 -4.36 -9.85
C VAL B 2 4.79 -3.76 -10.41
N GLN B 3 4.64 -3.20 -11.62
CA GLN B 3 5.72 -2.37 -12.13
C GLN B 3 5.75 -1.02 -11.47
N SER B 4 6.89 -0.35 -11.54
CA SER B 4 7.06 0.89 -10.73
C SER B 4 7.93 1.85 -11.46
N LEU B 5 7.83 3.09 -11.05
CA LEU B 5 8.69 4.14 -11.60
C LEU B 5 9.60 4.63 -10.46
N LYS B 6 10.88 4.92 -10.81
CA LYS B 6 11.86 5.46 -9.82
C LYS B 6 12.13 6.91 -10.27
N ARG B 7 12.12 7.82 -9.29
CA ARG B 7 12.40 9.30 -9.60
C ARG B 7 13.38 9.71 -8.50
N ARG B 8 14.51 10.29 -8.90
CA ARG B 8 15.41 10.89 -7.90
CA ARG B 8 15.41 10.92 -7.94
C ARG B 8 14.86 12.24 -7.48
N ARG B 9 14.81 12.50 -6.20
CA ARG B 9 14.32 13.76 -5.69
C ARG B 9 15.33 14.41 -4.77
N CYS B 10 15.65 15.72 -5.01
CA CYS B 10 16.68 16.39 -4.21
C CYS B 10 16.03 17.60 -3.53
N PHE B 11 16.26 17.72 -2.23
CA PHE B 11 15.64 18.79 -1.46
C PHE B 11 16.72 19.71 -0.86
C ACT C . 3.80 -16.11 0.28
O ACT C . 4.69 -15.02 0.32
OXT ACT C . 2.85 -16.80 1.04
CH3 ACT C . 4.12 -16.73 -1.02
C1 2UQ D . -13.34 2.52 1.46
C2 2UQ D . -13.45 1.85 0.22
C11 2UQ D . -15.64 6.57 2.36
C12 2UQ D . -10.08 0.43 -0.14
C14 2UQ D . -15.43 6.54 0.95
C15 2UQ D . -15.56 7.70 0.15
C16 2UQ D . -15.93 8.94 0.75
C17 2UQ D . -16.16 9.00 2.17
C18 2UQ D . -16.01 7.83 2.96
N3 2UQ D . -12.36 1.18 -0.33
C4 2UQ D . -11.17 1.23 0.38
N5 2UQ D . -11.04 1.85 1.61
C6 2UQ D . -12.11 2.50 2.18
C7 2UQ D . -14.60 3.30 1.92
O8 2UQ D . -15.70 3.00 1.40
N9 2UQ D . -14.39 4.39 2.79
C10 2UQ D . -15.49 5.28 3.25
N13 2UQ D . -10.20 -0.04 -1.30
#